data_6GW4
#
_entry.id   6GW4
#
_cell.length_a   81.240
_cell.length_b   81.240
_cell.length_c   223.910
_cell.angle_alpha   90.00
_cell.angle_beta   90.00
_cell.angle_gamma   120.00
#
_symmetry.space_group_name_H-M   'P 65 2 2'
#
loop_
_entity.id
_entity.type
_entity.pdbx_description
1 polymer 'Capsid protein'
2 non-polymer 'GLYCOCHENODEOXYCHOLIC ACID'
3 non-polymer 1,2-ETHANEDIOL
4 water water
#
_entity_poly.entity_id   1
_entity_poly.type   'polypeptide(L)'
_entity_poly.pdbx_seq_one_letter_code
;KPFTLPVLTIGEMTNSRFPAPIDMLYTSPNGNVVVQPQNGRCTLDGELQGSTQLVPANVCAFRGKITARIVDQAAHQWHM
QIDNPNGTLFDPTEDVPAPLGTPDFKAKIFGVISQRNDYNDGSQGPANRAHDAVVPTTSAKFTPKLGSILVGTWENNDIE
TQPSKFTPVGLLEMNDFNQWSLPNYSGALTLNMGLAPAVFPTFPGEQILFFRSFIPLKGGHGNPAIDCLLPQEWIQHFYQ
ESAPSQTSVALIRYVNPDTGRVLFEGKLHRQGFITIAKSGDGPIVVPPNGYFRFDSWVNQFYSLAPM
;
_entity_poly.pdbx_strand_id   A
#
# COMPACT_ATOMS: atom_id res chain seq x y z
N LYS A 1 -3.30 -26.49 -12.73
CA LYS A 1 -3.50 -26.13 -11.32
C LYS A 1 -4.59 -25.07 -11.16
N PRO A 2 -5.63 -25.41 -10.40
CA PRO A 2 -6.81 -24.53 -10.35
C PRO A 2 -6.54 -23.25 -9.58
N PHE A 3 -7.13 -22.16 -10.07
CA PHE A 3 -7.08 -20.87 -9.39
C PHE A 3 -8.11 -20.84 -8.26
N THR A 4 -7.69 -20.28 -7.12
CA THR A 4 -8.57 -20.15 -5.97
C THR A 4 -8.39 -18.79 -5.33
N LEU A 5 -9.40 -18.38 -4.58
CA LEU A 5 -9.39 -17.28 -3.64
C LEU A 5 -9.43 -17.81 -2.22
N PRO A 6 -8.77 -17.15 -1.27
CA PRO A 6 -9.01 -17.51 0.13
C PRO A 6 -10.40 -17.07 0.54
N VAL A 7 -10.98 -17.81 1.49
CA VAL A 7 -12.33 -17.56 1.97
C VAL A 7 -12.21 -16.62 3.17
N LEU A 8 -12.51 -15.34 2.95
CA LEU A 8 -12.35 -14.32 3.97
C LEU A 8 -13.47 -13.30 3.86
N THR A 9 -14.01 -12.89 5.00
CA THR A 9 -14.88 -11.72 5.07
C THR A 9 -14.03 -10.46 5.08
N ILE A 10 -14.66 -9.32 4.81
CA ILE A 10 -13.88 -8.09 4.75
C ILE A 10 -13.33 -7.73 6.13
N GLY A 11 -13.98 -8.18 7.20
CA GLY A 11 -13.43 -8.05 8.54
C GLY A 11 -12.23 -8.93 8.83
N GLU A 12 -11.85 -9.79 7.88
CA GLU A 12 -10.70 -10.66 8.01
C GLU A 12 -9.60 -10.34 7.02
N MET A 13 -9.66 -9.18 6.38
CA MET A 13 -8.70 -8.78 5.36
C MET A 13 -7.87 -7.60 5.83
N THR A 14 -6.69 -7.47 5.22
CA THR A 14 -5.72 -6.45 5.55
C THR A 14 -5.50 -5.56 4.34
N ASN A 15 -5.43 -4.25 4.56
CA ASN A 15 -5.13 -3.34 3.47
C ASN A 15 -3.69 -3.55 3.01
N SER A 16 -3.50 -3.64 1.70
CA SER A 16 -2.18 -3.91 1.15
C SER A 16 -1.36 -2.64 0.90
N ARG A 17 -1.95 -1.46 1.10
CA ARG A 17 -1.25 -0.20 0.88
C ARG A 17 -1.04 0.61 2.15
N PHE A 18 -1.64 0.20 3.27
CA PHE A 18 -1.37 0.83 4.56
C PHE A 18 -1.69 -0.17 5.66
N PRO A 19 -0.87 -0.27 6.72
CA PRO A 19 -1.13 -1.26 7.76
C PRO A 19 -2.41 -0.97 8.54
N ALA A 20 -3.51 -1.58 8.09
CA ALA A 20 -4.83 -1.38 8.68
C ALA A 20 -5.78 -2.46 8.17
N PRO A 21 -6.79 -2.85 8.95
CA PRO A 21 -7.81 -3.74 8.43
C PRO A 21 -8.69 -3.05 7.40
N ILE A 22 -9.26 -3.85 6.50
CA ILE A 22 -10.21 -3.33 5.53
C ILE A 22 -11.49 -2.92 6.26
N ASP A 23 -11.98 -1.71 5.98
CA ASP A 23 -13.19 -1.19 6.60
C ASP A 23 -14.43 -1.36 5.74
N MET A 24 -14.30 -1.27 4.42
CA MET A 24 -15.47 -1.39 3.56
C MET A 24 -15.02 -1.62 2.13
N LEU A 25 -15.95 -2.09 1.31
CA LEU A 25 -15.80 -2.06 -0.14
C LEU A 25 -16.22 -0.69 -0.67
N TYR A 26 -15.55 -0.24 -1.72
CA TYR A 26 -15.74 1.11 -2.21
C TYR A 26 -15.52 1.16 -3.71
N THR A 27 -16.28 2.00 -4.40
CA THR A 27 -16.13 2.16 -5.83
C THR A 27 -16.24 3.63 -6.19
N SER A 28 -15.66 3.99 -7.34
CA SER A 28 -15.61 5.38 -7.77
C SER A 28 -15.32 5.43 -9.25
N PRO A 29 -15.81 6.46 -9.96
CA PRO A 29 -15.39 6.63 -11.36
C PRO A 29 -13.92 6.97 -11.51
N ASN A 30 -13.38 7.79 -10.62
CA ASN A 30 -11.99 8.26 -10.70
C ASN A 30 -11.70 8.87 -12.08
N GLY A 31 -12.59 9.78 -12.50
CA GLY A 31 -12.56 10.36 -13.83
C GLY A 31 -11.22 10.90 -14.30
N ASN A 32 -10.70 11.91 -13.61
CA ASN A 32 -9.45 12.56 -13.97
C ASN A 32 -8.32 12.15 -13.03
N VAL A 33 -8.24 10.86 -12.70
CA VAL A 33 -7.17 10.33 -11.85
C VAL A 33 -6.64 9.05 -12.49
N VAL A 34 -5.33 8.86 -12.39
CA VAL A 34 -4.68 7.65 -12.87
C VAL A 34 -4.44 6.75 -11.65
N VAL A 35 -5.13 5.61 -11.62
CA VAL A 35 -5.01 4.65 -10.52
C VAL A 35 -3.81 3.76 -10.82
N GLN A 36 -2.70 3.98 -10.11
CA GLN A 36 -1.45 3.28 -10.38
C GLN A 36 -0.68 3.05 -9.09
N PRO A 37 -1.28 2.38 -8.10
CA PRO A 37 -0.54 2.10 -6.87
C PRO A 37 0.57 1.11 -7.12
N GLN A 38 1.60 1.18 -6.29
CA GLN A 38 2.76 0.29 -6.40
C GLN A 38 2.81 -0.77 -5.31
N ASN A 39 2.20 -0.51 -4.17
CA ASN A 39 1.94 -1.55 -3.19
C ASN A 39 0.60 -2.22 -3.49
N GLY A 40 0.46 -3.45 -3.03
CA GLY A 40 -0.76 -4.19 -3.30
C GLY A 40 -0.94 -4.58 -4.76
N ARG A 41 0.16 -4.92 -5.44
CA ARG A 41 0.12 -5.26 -6.86
C ARG A 41 0.63 -6.68 -7.05
N CYS A 42 -0.21 -7.53 -7.64
CA CYS A 42 0.14 -8.92 -7.90
C CYS A 42 -0.78 -9.46 -8.99
N THR A 43 -0.19 -10.12 -9.99
CA THR A 43 -0.99 -10.79 -11.00
C THR A 43 -1.71 -12.01 -10.40
N LEU A 44 -2.74 -12.47 -11.09
CA LEU A 44 -3.50 -13.62 -10.60
C LEU A 44 -2.67 -14.89 -10.55
N ASP A 45 -1.60 -14.99 -11.34
CA ASP A 45 -0.73 -16.15 -11.29
C ASP A 45 0.50 -15.92 -10.41
N GLY A 46 0.44 -14.94 -9.52
CA GLY A 46 1.42 -14.82 -8.45
C GLY A 46 2.69 -14.04 -8.76
N GLU A 47 2.64 -13.07 -9.67
CA GLU A 47 3.80 -12.24 -9.98
C GLU A 47 3.64 -10.90 -9.26
N LEU A 48 4.48 -10.67 -8.25
CA LEU A 48 4.49 -9.39 -7.57
C LEU A 48 5.02 -8.30 -8.50
N GLN A 49 4.47 -7.09 -8.36
CA GLN A 49 4.86 -5.97 -9.18
C GLN A 49 5.04 -4.73 -8.31
N GLY A 50 5.53 -3.67 -8.93
CA GLY A 50 5.73 -2.42 -8.22
C GLY A 50 6.69 -2.58 -7.05
N SER A 51 6.29 -2.03 -5.91
CA SER A 51 7.05 -2.16 -4.66
C SER A 51 6.41 -3.16 -3.71
N THR A 52 5.65 -4.12 -4.24
CA THR A 52 4.85 -5.00 -3.40
C THR A 52 5.70 -6.12 -2.81
N GLN A 53 5.57 -6.33 -1.50
CA GLN A 53 6.16 -7.47 -0.82
C GLN A 53 5.07 -8.13 0.04
N LEU A 54 5.47 -9.14 0.81
CA LEU A 54 4.49 -10.04 1.41
C LEU A 54 4.08 -9.69 2.83
N VAL A 55 4.93 -9.00 3.59
CA VAL A 55 4.72 -8.81 5.03
C VAL A 55 3.89 -7.54 5.22
N PRO A 56 2.70 -7.63 5.82
CA PRO A 56 1.91 -6.40 6.07
C PRO A 56 2.60 -5.40 6.96
N ALA A 57 3.39 -5.86 7.94
CA ALA A 57 4.10 -4.95 8.84
C ALA A 57 5.13 -4.09 8.13
N ASN A 58 5.56 -4.46 6.92
CA ASN A 58 6.53 -3.67 6.19
C ASN A 58 5.92 -2.60 5.31
N VAL A 59 4.59 -2.57 5.19
CA VAL A 59 3.94 -1.61 4.31
C VAL A 59 4.01 -0.22 4.93
N CYS A 60 4.59 0.74 4.19
CA CYS A 60 4.81 2.12 4.62
C CYS A 60 5.77 2.23 5.79
N ALA A 61 6.51 1.18 6.12
CA ALA A 61 7.52 1.26 7.15
C ALA A 61 8.89 1.53 6.53
N PHE A 62 9.79 2.05 7.35
CA PHE A 62 11.17 2.26 6.94
C PHE A 62 12.10 1.68 7.99
N ARG A 63 13.22 1.14 7.52
CA ARG A 63 14.26 0.64 8.40
C ARG A 63 15.60 1.06 7.83
N GLY A 64 16.51 1.45 8.71
CA GLY A 64 17.82 1.86 8.27
C GLY A 64 18.59 2.59 9.36
N LYS A 65 19.15 3.74 9.02
CA LYS A 65 19.99 4.46 9.95
C LYS A 65 19.94 5.94 9.62
N ILE A 66 19.76 6.77 10.64
CA ILE A 66 19.92 8.21 10.48
C ILE A 66 21.41 8.52 10.49
N THR A 67 21.88 9.22 9.46
CA THR A 67 23.31 9.47 9.31
C THR A 67 23.73 10.89 9.64
N ALA A 68 22.80 11.85 9.60
CA ALA A 68 23.13 13.25 9.79
C ALA A 68 21.83 14.05 9.86
N ARG A 69 21.96 15.31 10.25
CA ARG A 69 20.90 16.28 10.00
C ARG A 69 20.85 16.60 8.51
N ILE A 70 19.67 16.99 8.04
CA ILE A 70 19.54 17.43 6.66
C ILE A 70 20.42 18.65 6.45
N VAL A 71 21.16 18.65 5.33
CA VAL A 71 22.11 19.73 5.07
C VAL A 71 21.37 21.06 4.96
N ASP A 72 21.94 22.09 5.58
CA ASP A 72 21.36 23.44 5.61
C ASP A 72 20.00 23.44 6.31
N GLN A 73 19.79 22.51 7.25
CA GLN A 73 18.60 22.47 8.09
C GLN A 73 19.06 22.13 9.51
N ALA A 74 19.18 23.16 10.34
CA ALA A 74 19.79 23.02 11.67
C ALA A 74 18.87 22.38 12.69
N ALA A 75 17.59 22.17 12.38
CA ALA A 75 16.68 21.65 13.38
C ALA A 75 15.58 20.82 12.73
N HIS A 76 15.13 19.80 13.47
CA HIS A 76 13.93 19.01 13.25
C HIS A 76 13.99 18.10 12.02
N GLN A 77 15.08 18.09 11.26
CA GLN A 77 15.11 17.37 9.99
C GLN A 77 16.33 16.46 9.93
N TRP A 78 16.09 15.19 9.60
CA TRP A 78 17.10 14.15 9.65
C TRP A 78 17.22 13.43 8.31
N HIS A 79 18.46 13.11 7.94
CA HIS A 79 18.75 12.29 6.77
C HIS A 79 18.79 10.83 7.20
N MET A 80 17.84 10.03 6.70
CA MET A 80 17.77 8.62 7.06
C MET A 80 18.13 7.77 5.85
N GLN A 81 19.24 7.04 5.95
CA GLN A 81 19.57 6.02 4.96
C GLN A 81 18.72 4.78 5.23
N ILE A 82 18.08 4.26 4.19
CA ILE A 82 17.12 3.17 4.36
C ILE A 82 17.63 1.91 3.68
N ASP A 83 17.31 0.78 4.29
CA ASP A 83 17.46 -0.54 3.69
C ASP A 83 16.08 -1.02 3.24
N ASN A 84 15.99 -2.28 2.85
CA ASN A 84 14.68 -2.89 2.74
C ASN A 84 14.07 -3.03 4.14
N PRO A 85 12.76 -2.81 4.29
CA PRO A 85 12.16 -2.81 5.63
C PRO A 85 12.33 -4.10 6.42
N ASN A 86 12.94 -5.11 5.81
CA ASN A 86 13.31 -6.34 6.51
C ASN A 86 14.82 -6.43 6.73
N GLY A 87 15.48 -5.29 6.90
CA GLY A 87 16.88 -5.27 7.28
C GLY A 87 17.86 -5.59 6.17
N THR A 88 17.40 -6.27 5.13
CA THR A 88 18.28 -6.64 4.03
C THR A 88 18.74 -5.41 3.25
N LEU A 89 19.93 -5.49 2.67
CA LEU A 89 20.46 -4.38 1.90
C LEU A 89 19.57 -4.09 0.70
N PHE A 90 19.53 -2.83 0.27
CA PHE A 90 18.71 -2.42 -0.86
C PHE A 90 19.60 -2.25 -2.08
N ASP A 91 19.24 -2.94 -3.17
CA ASP A 91 19.98 -2.86 -4.42
C ASP A 91 19.22 -1.95 -5.37
N PRO A 92 19.70 -0.72 -5.62
CA PRO A 92 19.01 0.16 -6.57
C PRO A 92 19.07 -0.34 -8.01
N THR A 93 19.86 -1.38 -8.28
CA THR A 93 19.95 -1.91 -9.63
C THR A 93 18.67 -2.64 -10.04
N GLU A 94 18.02 -3.31 -9.09
CA GLU A 94 16.81 -4.07 -9.39
C GLU A 94 15.74 -3.17 -9.99
N ASP A 95 14.91 -3.75 -10.87
CA ASP A 95 13.88 -3.00 -11.56
C ASP A 95 12.64 -2.86 -10.67
N VAL A 96 12.82 -2.11 -9.60
CA VAL A 96 11.72 -1.76 -8.70
C VAL A 96 11.77 -0.26 -8.45
N PRO A 97 10.62 0.34 -8.09
CA PRO A 97 10.60 1.80 -7.89
C PRO A 97 11.26 2.26 -6.60
N ALA A 98 11.34 1.39 -5.59
CA ALA A 98 11.85 1.76 -4.27
C ALA A 98 12.04 0.48 -3.46
N PRO A 99 12.62 0.54 -2.26
CA PRO A 99 12.60 -0.64 -1.38
C PRO A 99 11.17 -1.12 -1.18
N LEU A 100 10.99 -2.44 -1.19
CA LEU A 100 9.65 -3.01 -1.19
C LEU A 100 8.91 -2.60 0.08
N GLY A 101 7.70 -2.09 -0.08
CA GLY A 101 6.90 -1.60 1.02
C GLY A 101 6.95 -0.10 1.23
N THR A 102 7.83 0.60 0.52
CA THR A 102 7.86 2.05 0.54
C THR A 102 6.47 2.61 0.19
N PRO A 103 6.02 3.66 0.88
CA PRO A 103 4.72 4.25 0.54
C PRO A 103 4.64 4.65 -0.93
N ASP A 104 3.46 4.47 -1.51
CA ASP A 104 3.23 4.72 -2.93
C ASP A 104 2.28 5.89 -3.16
N PHE A 105 2.25 6.84 -2.22
CA PHE A 105 1.37 8.00 -2.36
C PHE A 105 2.03 9.21 -1.73
N LYS A 106 1.63 10.39 -2.20
CA LYS A 106 2.14 11.65 -1.67
C LYS A 106 1.37 12.04 -0.42
N ALA A 107 2.09 12.31 0.66
CA ALA A 107 1.50 12.68 1.94
C ALA A 107 2.61 13.09 2.90
N LYS A 108 2.20 13.75 3.98
CA LYS A 108 3.02 13.88 5.18
C LYS A 108 2.59 12.76 6.11
N ILE A 109 3.37 11.67 6.13
CA ILE A 109 3.00 10.46 6.84
C ILE A 109 3.49 10.56 8.28
N PHE A 110 2.56 10.38 9.21
CA PHE A 110 2.85 10.50 10.64
C PHE A 110 3.13 9.13 11.22
N GLY A 111 4.13 9.06 12.08
CA GLY A 111 4.43 7.82 12.77
C GLY A 111 5.40 8.07 13.90
N VAL A 112 6.13 7.01 14.25
CA VAL A 112 7.12 7.08 15.31
C VAL A 112 8.44 6.56 14.76
N ILE A 113 9.49 7.34 14.93
CA ILE A 113 10.85 6.88 14.66
C ILE A 113 11.44 6.38 15.97
N SER A 114 11.95 5.15 15.95
CA SER A 114 12.53 4.53 17.14
C SER A 114 13.95 4.08 16.82
N GLN A 115 14.80 4.10 17.85
CA GLN A 115 16.20 3.77 17.69
C GLN A 115 16.63 2.80 18.78
N ARG A 116 17.36 1.76 18.39
CA ARG A 116 18.09 0.90 19.32
C ARG A 116 19.56 0.96 18.94
N ASN A 117 20.38 1.45 19.86
CA ASN A 117 21.80 1.60 19.58
C ASN A 117 22.43 0.26 19.24
N ASP A 118 23.40 0.29 18.31
CA ASP A 118 24.08 -0.92 17.87
C ASP A 118 25.29 -1.27 18.74
N TYR A 119 25.36 -0.71 19.95
CA TYR A 119 26.42 -1.02 20.90
C TYR A 119 25.83 -0.93 22.30
N ASN A 120 26.49 -1.59 23.24
CA ASN A 120 26.00 -1.69 24.61
C ASN A 120 26.59 -0.61 25.50
N ASP A 121 25.81 -0.20 26.50
CA ASP A 121 26.32 0.64 27.59
C ASP A 121 26.63 -0.28 28.77
N GLY A 122 27.81 -0.91 28.71
CA GLY A 122 28.21 -1.82 29.76
C GLY A 122 27.29 -3.01 29.84
N SER A 123 26.99 -3.43 31.07
CA SER A 123 26.14 -4.59 31.28
C SER A 123 24.67 -4.31 31.02
N GLN A 124 24.28 -3.03 30.87
CA GLN A 124 22.87 -2.67 30.73
C GLN A 124 22.29 -3.00 29.37
N GLY A 125 23.13 -3.11 28.34
CA GLY A 125 22.63 -3.29 27.00
C GLY A 125 22.58 -1.97 26.25
N PRO A 126 21.92 -1.96 25.10
CA PRO A 126 21.90 -0.75 24.27
C PRO A 126 20.83 0.24 24.70
N ALA A 127 21.13 1.52 24.51
CA ALA A 127 20.20 2.59 24.80
C ALA A 127 19.13 2.69 23.71
N ASN A 128 17.99 3.27 24.08
CA ASN A 128 16.83 3.34 23.19
C ASN A 128 16.17 4.72 23.29
N ARG A 129 15.46 5.08 22.22
CA ARG A 129 14.64 6.27 22.20
C ARG A 129 13.64 6.14 21.06
N ALA A 130 12.52 6.85 21.19
CA ALA A 130 11.48 6.86 20.18
C ALA A 130 10.72 8.17 20.27
N HIS A 131 10.37 8.74 19.11
CA HIS A 131 9.71 10.03 19.08
C HIS A 131 8.77 10.10 17.89
N ASP A 132 7.76 10.96 18.02
CA ASP A 132 6.88 11.27 16.90
C ASP A 132 7.69 11.76 15.72
N ALA A 133 7.31 11.34 14.52
CA ALA A 133 8.06 11.67 13.32
C ALA A 133 7.11 11.81 12.15
N VAL A 134 7.61 12.50 11.12
CA VAL A 134 6.90 12.67 9.86
C VAL A 134 7.84 12.29 8.73
N VAL A 135 7.33 11.49 7.79
CA VAL A 135 8.03 11.25 6.52
C VAL A 135 7.25 11.95 5.42
N PRO A 136 7.71 13.09 4.94
CA PRO A 136 7.05 13.74 3.79
C PRO A 136 7.46 13.07 2.50
N THR A 137 6.55 12.29 1.92
CA THR A 137 6.80 11.72 0.61
C THR A 137 6.70 12.75 -0.50
N THR A 138 6.24 13.96 -0.19
CA THR A 138 6.23 15.09 -1.10
C THR A 138 7.56 15.83 -1.16
N SER A 139 8.50 15.50 -0.28
CA SER A 139 9.75 16.23 -0.22
C SER A 139 10.66 15.87 -1.38
N ALA A 140 11.41 16.87 -1.87
CA ALA A 140 12.46 16.60 -2.85
C ALA A 140 13.53 15.69 -2.28
N LYS A 141 13.64 15.60 -0.96
CA LYS A 141 14.61 14.73 -0.30
C LYS A 141 14.04 13.35 0.03
N PHE A 142 12.81 13.07 -0.40
CA PHE A 142 12.26 11.72 -0.36
C PHE A 142 12.78 11.01 -1.60
N THR A 143 13.91 10.32 -1.46
CA THR A 143 14.55 9.63 -2.58
C THR A 143 14.82 8.17 -2.22
N PRO A 144 13.76 7.40 -1.92
CA PRO A 144 13.98 6.01 -1.49
C PRO A 144 14.62 5.13 -2.54
N LYS A 145 14.41 5.42 -3.83
CA LYS A 145 15.10 4.68 -4.88
C LYS A 145 16.61 4.88 -4.80
N LEU A 146 17.05 6.02 -4.28
CA LEU A 146 18.46 6.29 -4.06
C LEU A 146 18.91 5.92 -2.65
N GLY A 147 18.04 5.35 -1.84
CA GLY A 147 18.42 4.82 -0.54
C GLY A 147 18.34 5.78 0.63
N SER A 148 17.64 6.91 0.50
CA SER A 148 17.58 7.88 1.58
C SER A 148 16.25 8.62 1.55
N ILE A 149 15.79 9.02 2.73
CA ILE A 149 14.59 9.84 2.88
C ILE A 149 14.87 10.91 3.93
N LEU A 150 13.99 11.91 3.96
CA LEU A 150 14.00 12.92 5.01
C LEU A 150 13.00 12.51 6.08
N VAL A 151 13.40 12.60 7.35
CA VAL A 151 12.54 12.35 8.49
C VAL A 151 12.52 13.61 9.33
N GLY A 152 11.32 14.08 9.68
CA GLY A 152 11.15 15.24 10.54
C GLY A 152 10.65 14.80 11.90
N THR A 153 11.20 15.42 12.95
CA THR A 153 10.75 15.16 14.32
C THR A 153 10.49 16.47 15.03
N TRP A 154 9.59 16.44 16.01
CA TRP A 154 9.43 17.59 16.90
C TRP A 154 10.60 17.67 17.87
N GLU A 155 11.12 16.53 18.29
CA GLU A 155 12.33 16.50 19.11
C GLU A 155 13.53 16.95 18.28
N ASN A 156 14.31 17.86 18.84
CA ASN A 156 15.43 18.46 18.13
C ASN A 156 16.80 18.06 18.69
N ASN A 157 16.85 17.23 19.73
CA ASN A 157 18.12 16.91 20.36
C ASN A 157 18.32 15.42 20.58
N ASP A 158 17.26 14.68 20.90
CA ASP A 158 17.38 13.27 21.30
C ASP A 158 17.21 12.34 20.10
N ILE A 159 18.10 12.52 19.11
CA ILE A 159 18.21 11.63 17.97
C ILE A 159 19.69 11.37 17.71
N GLU A 160 20.04 10.13 17.48
CA GLU A 160 21.43 9.74 17.28
C GLU A 160 21.61 9.10 15.91
N THR A 161 22.86 9.05 15.46
CA THR A 161 23.19 8.42 14.17
C THR A 161 23.29 6.92 14.36
N GLN A 162 22.11 6.30 14.50
CA GLN A 162 21.99 4.94 15.00
C GLN A 162 20.87 4.22 14.23
N PRO A 163 20.84 2.90 14.29
CA PRO A 163 19.77 2.15 13.61
C PRO A 163 18.39 2.66 13.99
N SER A 164 17.54 2.84 12.97
CA SER A 164 16.26 3.51 13.16
C SER A 164 15.16 2.76 12.42
N LYS A 165 13.99 2.70 13.05
CA LYS A 165 12.79 2.15 12.46
C LYS A 165 11.70 3.23 12.45
N PHE A 166 10.95 3.30 11.37
CA PHE A 166 9.77 4.18 11.31
C PHE A 166 8.53 3.30 11.30
N THR A 167 7.72 3.43 12.35
CA THR A 167 6.44 2.73 12.43
C THR A 167 5.34 3.69 11.96
N PRO A 168 4.70 3.44 10.83
CA PRO A 168 3.66 4.36 10.36
C PRO A 168 2.41 4.27 11.23
N VAL A 169 1.75 5.41 11.41
CA VAL A 169 0.50 5.49 12.16
C VAL A 169 -0.63 6.06 11.32
N GLY A 170 -0.37 7.14 10.58
CA GLY A 170 -1.36 7.72 9.69
C GLY A 170 -0.85 8.94 8.96
N LEU A 171 -1.74 9.91 8.71
CA LEU A 171 -1.36 11.18 8.09
C LEU A 171 -1.13 12.24 9.16
N LEU A 172 -0.16 13.12 8.91
CA LEU A 172 -0.01 14.29 9.77
C LEU A 172 -1.11 15.30 9.51
N GLU A 173 -1.46 15.50 8.24
CA GLU A 173 -2.39 16.53 7.83
C GLU A 173 -2.95 16.14 6.47
N MET A 174 -4.08 16.76 6.10
CA MET A 174 -4.67 16.51 4.80
C MET A 174 -3.93 17.22 3.67
N ASN A 175 -3.18 18.29 3.99
CA ASN A 175 -2.51 19.07 2.97
C ASN A 175 -1.55 18.20 2.15
N ASP A 176 -1.71 18.25 0.82
CA ASP A 176 -0.89 17.55 -0.16
C ASP A 176 -1.08 16.04 -0.14
N PHE A 177 -2.10 15.53 0.55
CA PHE A 177 -2.41 14.12 0.53
C PHE A 177 -3.21 13.78 -0.72
N ASN A 178 -2.66 12.90 -1.56
CA ASN A 178 -3.38 12.37 -2.71
C ASN A 178 -2.95 10.91 -2.85
N GLN A 179 -3.86 9.98 -2.53
CA GLN A 179 -3.48 8.57 -2.50
C GLN A 179 -3.18 8.01 -3.88
N TRP A 180 -3.55 8.70 -4.95
CA TRP A 180 -3.26 8.24 -6.30
C TRP A 180 -2.10 8.99 -6.94
N SER A 181 -1.47 9.90 -6.22
CA SER A 181 -0.30 10.62 -6.73
C SER A 181 0.95 9.88 -6.28
N LEU A 182 1.66 9.29 -7.24
CA LEU A 182 2.89 8.58 -6.93
C LEU A 182 3.96 9.56 -6.46
N PRO A 183 4.73 9.21 -5.42
CA PRO A 183 5.90 10.02 -5.08
C PRO A 183 6.97 9.93 -6.14
N ASN A 184 7.83 10.95 -6.17
CA ASN A 184 9.03 10.91 -7.02
C ASN A 184 10.08 10.11 -6.27
N TYR A 185 10.10 8.80 -6.53
CA TYR A 185 10.96 7.89 -5.78
C TYR A 185 12.44 8.25 -5.89
N SER A 186 12.83 9.01 -6.92
CA SER A 186 14.19 9.51 -7.06
C SER A 186 14.26 11.02 -6.87
N GLY A 187 13.27 11.60 -6.20
CA GLY A 187 13.28 13.04 -5.96
C GLY A 187 13.28 13.83 -7.24
N ALA A 188 14.13 14.86 -7.29
CA ALA A 188 14.28 15.70 -8.47
C ALA A 188 15.22 15.10 -9.50
N LEU A 189 15.60 13.83 -9.35
CA LEU A 189 16.56 13.19 -10.23
C LEU A 189 15.85 12.16 -11.11
N THR A 190 16.07 12.25 -12.41
CA THR A 190 15.50 11.34 -13.41
C THR A 190 13.98 11.22 -13.21
N LEU A 191 13.41 10.02 -13.25
CA LEU A 191 11.97 9.81 -13.04
C LEU A 191 11.80 8.46 -12.35
N ASN A 192 10.57 7.96 -12.32
CA ASN A 192 10.28 6.69 -11.64
C ASN A 192 10.47 5.51 -12.60
N MET A 193 10.95 4.39 -12.06
CA MET A 193 11.25 3.19 -12.85
C MET A 193 10.70 1.94 -12.17
N GLY A 194 10.56 0.88 -12.96
CA GLY A 194 10.08 -0.40 -12.45
C GLY A 194 8.62 -0.43 -12.04
N LEU A 195 7.79 0.44 -12.60
CA LEU A 195 6.45 0.67 -12.09
C LEU A 195 5.47 -0.42 -12.54
N ALA A 196 4.59 -0.80 -11.63
CA ALA A 196 3.40 -1.54 -12.02
C ALA A 196 2.48 -0.64 -12.83
N PRO A 197 1.81 -1.16 -13.85
CA PRO A 197 1.06 -0.29 -14.77
C PRO A 197 -0.21 0.27 -14.13
N ALA A 198 -0.70 1.34 -14.74
CA ALA A 198 -2.00 1.89 -14.34
C ALA A 198 -3.11 0.89 -14.66
N VAL A 199 -4.15 0.92 -13.84
CA VAL A 199 -5.30 0.05 -14.00
C VAL A 199 -6.54 0.90 -14.22
N PHE A 200 -7.45 0.41 -15.05
CA PHE A 200 -8.65 1.14 -15.40
C PHE A 200 -9.64 0.18 -16.04
N PRO A 201 -10.95 0.42 -15.90
CA PRO A 201 -11.91 -0.41 -16.61
C PRO A 201 -11.85 -0.16 -18.12
N THR A 202 -12.03 -1.24 -18.88
CA THR A 202 -12.02 -1.17 -20.34
C THR A 202 -13.36 -1.52 -20.96
N PHE A 203 -14.36 -1.83 -20.13
CA PHE A 203 -15.69 -2.19 -20.60
C PHE A 203 -16.68 -1.12 -20.15
N PRO A 204 -17.56 -0.65 -21.03
CA PRO A 204 -18.48 0.44 -20.66
C PRO A 204 -19.35 0.08 -19.47
N GLY A 205 -19.61 1.07 -18.62
CA GLY A 205 -20.44 0.90 -17.45
C GLY A 205 -19.76 0.29 -16.24
N GLU A 206 -18.45 0.05 -16.30
CA GLU A 206 -17.74 -0.57 -15.19
C GLU A 206 -16.90 0.44 -14.43
N GLN A 207 -16.67 0.14 -13.15
CA GLN A 207 -15.79 0.92 -12.29
C GLN A 207 -14.94 -0.05 -11.47
N ILE A 208 -13.80 0.44 -11.00
CA ILE A 208 -12.95 -0.38 -10.15
C ILE A 208 -13.58 -0.52 -8.77
N LEU A 209 -13.48 -1.72 -8.21
CA LEU A 209 -13.91 -1.98 -6.84
C LEU A 209 -12.69 -1.98 -5.94
N PHE A 210 -12.71 -1.16 -4.89
CA PHE A 210 -11.58 -0.98 -3.99
C PHE A 210 -11.88 -1.59 -2.63
N PHE A 211 -10.82 -2.01 -1.95
CA PHE A 211 -10.86 -2.38 -0.54
C PHE A 211 -10.33 -1.18 0.25
N ARG A 212 -11.22 -0.54 1.01
CA ARG A 212 -10.94 0.76 1.61
C ARG A 212 -10.69 0.67 3.10
N SER A 213 -9.66 1.37 3.57
CA SER A 213 -9.41 1.56 4.99
C SER A 213 -9.36 3.06 5.28
N PHE A 214 -10.02 3.48 6.36
CA PHE A 214 -9.88 4.85 6.86
C PHE A 214 -8.73 4.87 7.84
N ILE A 215 -7.79 5.80 7.63
CA ILE A 215 -6.54 5.79 8.40
C ILE A 215 -6.48 6.98 9.34
N PRO A 216 -5.70 6.90 10.42
CA PRO A 216 -5.65 8.01 11.39
C PRO A 216 -5.12 9.30 10.77
N LEU A 217 -5.48 10.40 11.42
CA LEU A 217 -5.07 11.74 11.03
C LEU A 217 -4.68 12.48 12.30
N LYS A 218 -3.51 13.12 12.32
CA LYS A 218 -3.02 13.68 13.57
C LYS A 218 -3.71 15.00 13.92
N GLY A 219 -4.16 15.76 12.93
CA GLY A 219 -4.79 17.04 13.20
C GLY A 219 -5.65 17.49 12.04
N GLY A 220 -6.55 18.42 12.33
CA GLY A 220 -7.40 18.99 11.31
C GLY A 220 -8.63 18.15 11.03
N HIS A 221 -9.38 18.57 10.02
CA HIS A 221 -10.63 17.92 9.64
C HIS A 221 -10.43 17.04 8.42
N GLY A 222 -11.25 15.99 8.33
CA GLY A 222 -11.16 15.07 7.23
C GLY A 222 -11.34 13.63 7.62
N ASN A 223 -11.56 12.77 6.64
CA ASN A 223 -11.73 11.34 6.84
C ASN A 223 -10.90 10.59 5.80
N PRO A 224 -9.57 10.71 5.87
CA PRO A 224 -8.73 10.17 4.80
C PRO A 224 -8.81 8.65 4.71
N ALA A 225 -8.75 8.16 3.48
CA ALA A 225 -8.91 6.74 3.20
C ALA A 225 -7.79 6.27 2.27
N ILE A 226 -7.46 5.00 2.39
CA ILE A 226 -6.50 4.34 1.50
C ILE A 226 -7.23 3.18 0.83
N ASP A 227 -7.29 3.21 -0.50
CA ASP A 227 -7.93 2.16 -1.28
C ASP A 227 -6.85 1.26 -1.87
N CYS A 228 -7.05 -0.05 -1.77
CA CYS A 228 -6.15 -0.99 -2.40
C CYS A 228 -6.92 -1.87 -3.38
N LEU A 229 -6.22 -2.31 -4.42
CA LEU A 229 -6.86 -3.13 -5.46
C LEU A 229 -7.12 -4.54 -4.98
N LEU A 230 -6.24 -5.07 -4.13
CA LEU A 230 -6.32 -6.43 -3.63
C LEU A 230 -5.95 -6.41 -2.15
N PRO A 231 -6.67 -7.16 -1.32
CA PRO A 231 -6.23 -7.32 0.07
C PRO A 231 -4.92 -8.08 0.12
N GLN A 232 -4.13 -7.79 1.16
CA GLN A 232 -2.82 -8.42 1.30
C GLN A 232 -2.93 -9.93 1.33
N GLU A 233 -4.04 -10.46 1.84
CA GLU A 233 -4.20 -11.92 1.90
C GLU A 233 -4.27 -12.53 0.51
N TRP A 234 -4.95 -11.86 -0.43
CA TRP A 234 -5.03 -12.40 -1.78
C TRP A 234 -3.66 -12.39 -2.45
N ILE A 235 -2.88 -11.34 -2.19
CA ILE A 235 -1.52 -11.27 -2.72
C ILE A 235 -0.67 -12.42 -2.18
N GLN A 236 -0.70 -12.62 -0.86
CA GLN A 236 0.04 -13.73 -0.28
C GLN A 236 -0.44 -15.06 -0.83
N HIS A 237 -1.75 -15.17 -1.09
CA HIS A 237 -2.32 -16.41 -1.61
C HIS A 237 -1.85 -16.67 -3.04
N PHE A 238 -2.00 -15.69 -3.93
CA PHE A 238 -1.63 -15.88 -5.32
C PHE A 238 -0.15 -16.19 -5.44
N TYR A 239 0.69 -15.52 -4.64
CA TYR A 239 2.12 -15.78 -4.65
C TYR A 239 2.44 -17.22 -4.27
N GLN A 240 1.70 -17.77 -3.30
CA GLN A 240 1.92 -19.16 -2.92
C GLN A 240 1.45 -20.12 -4.01
N GLU A 241 0.30 -19.83 -4.63
CA GLU A 241 -0.31 -20.77 -5.55
C GLU A 241 0.33 -20.71 -6.93
N SER A 242 0.51 -19.50 -7.47
CA SER A 242 1.02 -19.32 -8.83
C SER A 242 0.19 -20.12 -9.82
N ALA A 243 -1.13 -20.06 -9.66
CA ALA A 243 -2.03 -20.82 -10.53
C ALA A 243 -2.14 -20.12 -11.88
N PRO A 244 -1.89 -20.82 -12.99
CA PRO A 244 -1.96 -20.17 -14.30
C PRO A 244 -3.34 -19.60 -14.59
N SER A 245 -3.36 -18.41 -15.17
CA SER A 245 -4.60 -17.75 -15.53
C SER A 245 -5.08 -18.30 -16.87
N GLN A 246 -6.28 -18.90 -16.88
CA GLN A 246 -6.80 -19.48 -18.11
C GLN A 246 -7.27 -18.42 -19.08
N THR A 247 -7.81 -17.32 -18.58
CA THR A 247 -8.15 -16.16 -19.41
C THR A 247 -7.61 -14.89 -18.75
N SER A 248 -8.00 -13.74 -19.27
CA SER A 248 -7.59 -12.46 -18.67
C SER A 248 -8.50 -12.01 -17.54
N VAL A 249 -9.64 -12.67 -17.35
CA VAL A 249 -10.62 -12.23 -16.35
C VAL A 249 -11.13 -13.45 -15.59
N ALA A 250 -11.12 -13.36 -14.26
CA ALA A 250 -11.76 -14.34 -13.40
C ALA A 250 -13.08 -13.75 -12.89
N LEU A 251 -14.17 -14.48 -13.09
CA LEU A 251 -15.48 -14.05 -12.62
C LEU A 251 -15.65 -14.43 -11.16
N ILE A 252 -15.82 -13.43 -10.30
CA ILE A 252 -15.96 -13.66 -8.86
C ILE A 252 -17.33 -13.15 -8.41
N ARG A 253 -17.92 -13.84 -7.44
CA ARG A 253 -19.23 -13.51 -6.92
C ARG A 253 -19.13 -13.25 -5.43
N TYR A 254 -19.78 -12.18 -4.98
CA TYR A 254 -19.87 -11.89 -3.56
C TYR A 254 -21.13 -12.58 -3.01
N VAL A 255 -20.92 -13.52 -2.08
CA VAL A 255 -21.97 -14.44 -1.65
C VAL A 255 -22.25 -14.21 -0.17
N ASN A 256 -23.54 -14.22 0.17
CA ASN A 256 -23.96 -14.23 1.57
C ASN A 256 -24.11 -15.68 2.00
N PRO A 257 -23.25 -16.20 2.88
CA PRO A 257 -23.38 -17.61 3.29
C PRO A 257 -24.62 -17.89 4.11
N ASP A 258 -25.22 -16.87 4.73
CA ASP A 258 -26.41 -17.09 5.56
C ASP A 258 -27.60 -17.46 4.70
N THR A 259 -27.83 -16.72 3.60
CA THR A 259 -28.91 -17.04 2.68
C THR A 259 -28.43 -17.88 1.50
N GLY A 260 -27.13 -17.96 1.26
CA GLY A 260 -26.59 -18.67 0.12
C GLY A 260 -26.68 -17.94 -1.19
N ARG A 261 -27.26 -16.74 -1.22
CA ARG A 261 -27.53 -16.04 -2.45
C ARG A 261 -26.35 -15.16 -2.87
N VAL A 262 -26.22 -14.96 -4.17
CA VAL A 262 -25.24 -14.04 -4.72
C VAL A 262 -25.77 -12.62 -4.56
N LEU A 263 -24.90 -11.70 -4.13
CA LEU A 263 -25.29 -10.31 -3.95
C LEU A 263 -24.83 -9.42 -5.11
N PHE A 264 -23.63 -9.64 -5.61
CA PHE A 264 -23.16 -8.98 -6.82
C PHE A 264 -21.99 -9.79 -7.37
N GLU A 265 -21.60 -9.44 -8.60
CA GLU A 265 -20.50 -10.12 -9.27
C GLU A 265 -19.53 -9.08 -9.81
N GLY A 266 -18.28 -9.51 -9.97
CA GLY A 266 -17.25 -8.63 -10.46
C GLY A 266 -16.28 -9.39 -11.36
N LYS A 267 -15.46 -8.62 -12.05
CA LYS A 267 -14.43 -9.16 -12.95
C LYS A 267 -13.08 -8.96 -12.29
N LEU A 268 -12.43 -10.07 -11.92
CA LEU A 268 -11.08 -10.03 -11.35
C LEU A 268 -10.10 -10.18 -12.49
N HIS A 269 -9.45 -9.07 -12.86
CA HIS A 269 -8.57 -9.06 -14.02
C HIS A 269 -7.22 -9.71 -13.71
N ARG A 270 -6.56 -10.18 -14.77
CA ARG A 270 -5.29 -10.88 -14.62
C ARG A 270 -4.25 -9.99 -13.94
N GLN A 271 -4.28 -8.69 -14.21
CA GLN A 271 -3.30 -7.77 -13.63
C GLN A 271 -3.48 -7.56 -12.14
N GLY A 272 -4.61 -7.95 -11.56
CA GLY A 272 -4.80 -7.88 -10.13
C GLY A 272 -5.68 -6.74 -9.66
N PHE A 273 -6.87 -6.61 -10.22
CA PHE A 273 -7.83 -5.62 -9.74
C PHE A 273 -9.23 -6.06 -10.16
N ILE A 274 -10.23 -5.45 -9.55
CA ILE A 274 -11.62 -5.85 -9.71
C ILE A 274 -12.41 -4.70 -10.35
N THR A 275 -13.27 -5.05 -11.32
CA THR A 275 -14.25 -4.12 -11.84
C THR A 275 -15.66 -4.67 -11.61
N ILE A 276 -16.61 -3.75 -11.46
CA ILE A 276 -18.01 -4.07 -11.24
C ILE A 276 -18.86 -3.18 -12.14
N ALA A 277 -20.08 -3.65 -12.44
CA ALA A 277 -21.02 -2.88 -13.24
C ALA A 277 -21.80 -1.98 -12.31
N LYS A 278 -21.30 -0.77 -12.11
CA LYS A 278 -21.90 0.18 -11.19
C LYS A 278 -21.43 1.58 -11.56
N SER A 279 -22.31 2.55 -11.38
CA SER A 279 -21.99 3.96 -11.58
C SER A 279 -22.18 4.70 -10.26
N GLY A 280 -21.24 5.59 -9.96
CA GLY A 280 -21.32 6.42 -8.78
C GLY A 280 -20.13 6.22 -7.85
N ASP A 281 -20.07 7.09 -6.85
CA ASP A 281 -18.99 7.14 -5.88
C ASP A 281 -19.56 6.84 -4.50
N GLY A 282 -19.06 5.78 -3.86
CA GLY A 282 -19.50 5.46 -2.53
C GLY A 282 -19.26 4.02 -2.12
N PRO A 283 -19.70 3.66 -0.92
CA PRO A 283 -19.48 2.30 -0.42
C PRO A 283 -20.44 1.29 -1.05
N ILE A 284 -20.01 0.05 -1.03
CA ILE A 284 -20.85 -1.10 -1.37
C ILE A 284 -21.36 -1.70 -0.06
N VAL A 285 -22.66 -1.69 0.14
CA VAL A 285 -23.25 -2.19 1.38
C VAL A 285 -23.32 -3.71 1.32
N VAL A 286 -22.72 -4.37 2.32
CA VAL A 286 -22.61 -5.83 2.31
C VAL A 286 -22.82 -6.36 3.71
N PRO A 287 -23.31 -7.60 3.81
CA PRO A 287 -23.48 -8.24 5.12
C PRO A 287 -22.14 -8.62 5.73
N PRO A 288 -22.09 -8.86 7.04
CA PRO A 288 -20.79 -9.10 7.68
C PRO A 288 -20.11 -10.38 7.27
N ASN A 289 -20.87 -11.42 6.92
CA ASN A 289 -20.31 -12.73 6.61
C ASN A 289 -20.06 -12.95 5.12
N GLY A 290 -20.30 -11.95 4.28
CA GLY A 290 -20.11 -12.14 2.86
C GLY A 290 -18.66 -12.40 2.51
N TYR A 291 -18.46 -13.13 1.41
CA TYR A 291 -17.12 -13.47 0.94
C TYR A 291 -17.13 -13.56 -0.58
N PHE A 292 -15.96 -13.46 -1.18
CA PHE A 292 -15.81 -13.57 -2.61
C PHE A 292 -15.56 -15.02 -3.00
N ARG A 293 -16.26 -15.48 -4.04
CA ARG A 293 -16.17 -16.85 -4.54
C ARG A 293 -15.78 -16.81 -6.00
N PHE A 294 -14.72 -17.55 -6.34
CA PHE A 294 -14.31 -17.67 -7.73
C PHE A 294 -15.20 -18.68 -8.44
N ASP A 295 -15.78 -18.27 -9.57
CA ASP A 295 -16.77 -19.10 -10.24
C ASP A 295 -16.37 -19.54 -11.64
N SER A 296 -15.67 -18.71 -12.41
CA SER A 296 -15.45 -19.05 -13.81
C SER A 296 -14.39 -18.14 -14.41
N TRP A 297 -13.72 -18.66 -15.44
CA TRP A 297 -12.87 -17.85 -16.31
C TRP A 297 -13.73 -17.32 -17.45
N VAL A 298 -13.66 -16.01 -17.71
CA VAL A 298 -14.44 -15.36 -18.74
C VAL A 298 -13.53 -14.48 -19.59
N ASN A 299 -14.12 -13.84 -20.59
CA ASN A 299 -13.39 -13.00 -21.53
C ASN A 299 -13.32 -11.55 -21.03
N GLN A 300 -12.44 -10.78 -21.65
CA GLN A 300 -12.29 -9.38 -21.28
C GLN A 300 -13.59 -8.59 -21.46
N PHE A 301 -14.48 -9.06 -22.35
CA PHE A 301 -15.71 -8.35 -22.68
C PHE A 301 -16.95 -9.05 -22.15
N TYR A 302 -16.81 -9.79 -21.05
CA TYR A 302 -17.95 -10.37 -20.36
C TYR A 302 -18.81 -9.26 -19.76
N SER A 303 -20.13 -9.42 -19.86
CA SER A 303 -21.06 -8.43 -19.34
C SER A 303 -21.46 -8.80 -17.91
N LEU A 304 -21.13 -7.93 -16.96
CA LEU A 304 -21.56 -8.13 -15.58
C LEU A 304 -22.98 -7.64 -15.38
N ALA A 305 -23.67 -8.21 -14.41
CA ALA A 305 -24.99 -7.74 -14.04
C ALA A 305 -24.86 -6.43 -13.28
N PRO A 306 -25.52 -5.35 -13.71
CA PRO A 306 -25.42 -4.08 -12.98
C PRO A 306 -25.87 -4.22 -11.54
N MET A 307 -25.16 -3.53 -10.65
CA MET A 307 -25.51 -3.54 -9.24
C MET A 307 -25.83 -2.12 -8.74
#